data_9GNN
#
_entry.id   9GNN
#
_cell.length_a   66.162
_cell.length_b   87.902
_cell.length_c   116.676
_cell.angle_alpha   90.000
_cell.angle_beta   90.000
_cell.angle_gamma   90.000
#
_symmetry.space_group_name_H-M   'P 21 21 21'
#
loop_
_entity.id
_entity.type
_entity.pdbx_description
1 polymer 'Sentrin-specific protease 5'
2 polymer 'Small ubiquitin-related modifier 3'
3 non-polymer prop-2-en-1-amine
4 water water
#
loop_
_entity_poly.entity_id
_entity_poly.type
_entity_poly.pdbx_seq_one_letter_code
_entity_poly.pdbx_strand_id
1 'polypeptide(L)'
;HHHHHHSSGLVPRGSHMASMLDMDDLATLDGQNWLNDQVINMYGELIMDAVPDKVHFFNSFFHRQLVTKGYNGVKRWTKK
VDLFKKSLLLIPIHLEVHWSLITVTLSNRIISFYDSQGIHFKFCVENIRKYLLTEAREKNRPEFLQGWQTAVTKCIPQQK
NDSDCGVFVLQYCKCLALEQPFQFSQEDMPRVRKRIYKELCECRLMD
;
A,B
2 'polypeptide(L)' MNDHINLKVAGQDGSVVQFKIKRHTPLSKLMKAYCERQGLSMRQIRFRFDGQPINETDTPAQLEMEDEDTIDVFQQQTG C,D
#
# COMPACT_ATOMS: atom_id res chain seq x y z
N ALA A 18 12.06 -24.98 3.58
CA ALA A 18 12.97 -23.96 3.06
C ALA A 18 13.61 -24.38 1.72
N SER A 19 14.03 -23.39 0.93
CA SER A 19 14.42 -23.58 -0.47
C SER A 19 15.43 -22.50 -0.86
N MET A 20 15.79 -22.48 -2.15
CA MET A 20 16.86 -21.64 -2.64
C MET A 20 16.26 -20.55 -3.55
N LEU A 21 16.88 -19.37 -3.52
CA LEU A 21 16.40 -18.16 -4.16
C LEU A 21 17.05 -17.94 -5.52
N ASP A 22 16.38 -17.18 -6.39
CA ASP A 22 17.06 -16.84 -7.64
C ASP A 22 18.22 -15.90 -7.33
N MET A 23 19.21 -15.91 -8.21
CA MET A 23 20.40 -15.10 -7.93
C MET A 23 20.07 -13.61 -7.87
N ASP A 24 18.99 -13.17 -8.48
CA ASP A 24 18.74 -11.74 -8.48
C ASP A 24 18.05 -11.30 -7.20
N ASP A 25 17.36 -12.21 -6.50
CA ASP A 25 16.85 -11.91 -5.16
C ASP A 25 18.00 -11.81 -4.16
N LEU A 26 18.90 -12.79 -4.20
CA LEU A 26 20.10 -12.71 -3.39
C LEU A 26 20.83 -11.40 -3.62
N ALA A 27 20.87 -10.93 -4.86
CA ALA A 27 21.57 -9.69 -5.13
C ALA A 27 21.01 -8.49 -4.34
N THR A 28 19.77 -8.55 -3.84
CA THR A 28 19.32 -7.40 -3.05
C THR A 28 20.10 -7.25 -1.75
N LEU A 29 20.85 -8.27 -1.35
CA LEU A 29 21.74 -8.14 -0.20
C LEU A 29 23.05 -7.48 -0.60
N ASP A 30 23.30 -7.36 -1.89
CA ASP A 30 24.60 -6.94 -2.35
C ASP A 30 24.81 -5.46 -2.05
N GLY A 31 26.03 -5.13 -1.63
CA GLY A 31 26.38 -3.73 -1.43
C GLY A 31 25.43 -3.09 -0.46
N GLN A 32 24.84 -1.96 -0.88
CA GLN A 32 23.82 -1.29 -0.10
C GLN A 32 22.48 -1.32 -0.81
N ASN A 33 22.23 -2.39 -1.58
CA ASN A 33 20.93 -2.59 -2.20
C ASN A 33 19.85 -2.84 -1.14
N TRP A 34 18.61 -2.61 -1.53
CA TRP A 34 17.47 -2.72 -0.63
C TRP A 34 16.95 -4.14 -0.63
N LEU A 35 16.80 -4.72 0.56
CA LEU A 35 16.29 -6.08 0.61
C LEU A 35 14.87 -6.11 0.11
N ASN A 36 14.56 -7.14 -0.66
CA ASN A 36 13.20 -7.36 -1.14
C ASN A 36 12.52 -8.46 -0.32
N ASP A 37 11.34 -8.84 -0.77
CA ASP A 37 10.51 -9.74 0.02
C ASP A 37 11.01 -11.16 0.00
N GLN A 38 11.71 -11.57 -1.06
CA GLN A 38 12.22 -12.93 -1.12
C GLN A 38 13.33 -13.13 -0.10
N VAL A 39 14.16 -12.11 0.13
CA VAL A 39 15.19 -12.25 1.15
C VAL A 39 14.56 -12.29 2.53
N ILE A 40 13.66 -11.33 2.80
CA ILE A 40 12.98 -11.28 4.10
C ILE A 40 12.28 -12.60 4.39
N ASN A 41 11.46 -13.06 3.46
CA ASN A 41 10.63 -14.22 3.75
C ASN A 41 11.46 -15.49 3.82
N MET A 42 12.49 -15.60 2.98
CA MET A 42 13.31 -16.81 3.01
C MET A 42 14.10 -16.89 4.32
N TYR A 43 14.64 -15.78 4.79
CA TYR A 43 15.36 -15.83 6.05
C TYR A 43 14.43 -16.13 7.22
N GLY A 44 13.19 -15.66 7.13
CA GLY A 44 12.21 -16.04 8.13
C GLY A 44 12.04 -17.54 8.16
N GLU A 45 11.90 -18.15 6.99
CA GLU A 45 11.84 -19.61 6.88
C GLU A 45 13.06 -20.26 7.54
N LEU A 46 14.27 -19.76 7.26
CA LEU A 46 15.44 -20.32 7.92
C LEU A 46 15.33 -20.21 9.42
N ILE A 47 14.82 -19.07 9.90
CA ILE A 47 14.84 -18.84 11.34
C ILE A 47 13.91 -19.81 12.05
N MET A 48 12.74 -20.03 11.50
CA MET A 48 11.83 -20.97 12.14
C MET A 48 12.06 -22.40 11.71
N ASP A 49 12.85 -22.63 10.65
CA ASP A 49 13.38 -23.98 10.45
C ASP A 49 14.28 -24.39 11.59
N ALA A 50 14.89 -23.42 12.27
CA ALA A 50 15.91 -23.71 13.27
C ALA A 50 15.35 -23.80 14.69
N VAL A 51 14.26 -23.11 14.98
CA VAL A 51 13.64 -23.22 16.31
C VAL A 51 12.14 -23.33 16.13
N PRO A 52 11.64 -24.41 15.53
CA PRO A 52 10.23 -24.40 15.08
C PRO A 52 9.22 -24.56 16.20
N ASP A 53 9.60 -25.03 17.37
CA ASP A 53 8.57 -25.16 18.39
C ASP A 53 8.34 -23.85 19.12
N LYS A 54 9.20 -22.89 18.89
CA LYS A 54 9.28 -21.66 19.65
C LYS A 54 8.92 -20.41 18.87
N VAL A 55 9.20 -20.39 17.56
CA VAL A 55 9.06 -19.19 16.75
C VAL A 55 8.14 -19.51 15.57
N HIS A 56 7.18 -18.63 15.32
CA HIS A 56 6.46 -18.64 14.07
C HIS A 56 6.66 -17.32 13.34
N PHE A 57 7.03 -17.41 12.07
CA PHE A 57 7.36 -16.26 11.23
C PHE A 57 6.26 -16.10 10.17
N PHE A 58 5.50 -15.03 10.26
CA PHE A 58 4.56 -14.69 9.20
C PHE A 58 5.32 -14.03 8.06
N ASN A 59 4.93 -14.33 6.84
CA ASN A 59 5.63 -13.71 5.72
C ASN A 59 5.25 -12.24 5.58
N SER A 60 5.97 -11.54 4.70
CA SER A 60 5.85 -10.10 4.56
C SER A 60 4.57 -9.68 3.83
N PHE A 61 3.79 -10.63 3.32
CA PHE A 61 2.49 -10.33 2.73
C PHE A 61 1.35 -10.47 3.71
N PHE A 62 1.61 -11.00 4.91
CA PHE A 62 0.55 -11.26 5.88
C PHE A 62 -0.15 -9.97 6.25
N HIS A 63 0.61 -8.91 6.52
CA HIS A 63 0.01 -7.71 7.07
C HIS A 63 -0.91 -7.03 6.06
N ARG A 64 -0.39 -6.76 4.86
CA ARG A 64 -1.26 -6.16 3.83
C ARG A 64 -2.52 -6.99 3.65
N GLN A 65 -2.40 -8.31 3.65
CA GLN A 65 -3.57 -9.14 3.44
C GLN A 65 -4.56 -9.02 4.60
N LEU A 66 -4.07 -9.09 5.83
CA LEU A 66 -4.94 -8.89 6.98
C LEU A 66 -5.57 -7.50 6.98
N VAL A 67 -4.87 -6.50 6.45
CA VAL A 67 -5.42 -5.15 6.50
C VAL A 67 -6.43 -4.93 5.39
N THR A 68 -6.13 -5.36 4.18
CA THR A 68 -7.05 -5.13 3.07
C THR A 68 -8.11 -6.21 2.91
N LYS A 69 -8.07 -7.27 3.71
CA LYS A 69 -9.07 -8.32 3.56
C LYS A 69 -9.43 -8.96 4.90
N GLY A 70 -8.95 -8.41 6.01
CA GLY A 70 -9.44 -8.78 7.33
C GLY A 70 -9.17 -10.20 7.71
N TYR A 71 -9.59 -10.60 8.91
CA TYR A 71 -9.31 -11.94 9.39
C TYR A 71 -9.70 -13.01 8.38
N ASN A 72 -10.72 -12.76 7.56
CA ASN A 72 -11.09 -13.81 6.61
C ASN A 72 -10.06 -13.98 5.51
N GLY A 73 -9.19 -12.98 5.30
CA GLY A 73 -8.17 -13.08 4.26
C GLY A 73 -6.88 -13.75 4.70
N VAL A 74 -6.69 -13.93 6.02
CA VAL A 74 -5.52 -14.62 6.55
C VAL A 74 -5.89 -15.79 7.41
N LYS A 75 -7.18 -16.09 7.54
CA LYS A 75 -7.65 -17.19 8.37
C LYS A 75 -6.88 -18.46 8.06
N ARG A 76 -6.78 -18.80 6.78
CA ARG A 76 -6.27 -20.13 6.43
C ARG A 76 -4.74 -20.23 6.51
N TRP A 77 -4.03 -19.10 6.66
CA TRP A 77 -2.57 -19.13 6.71
C TRP A 77 -2.01 -19.79 7.96
N THR A 78 -2.81 -19.90 9.04
CA THR A 78 -2.41 -20.61 10.25
C THR A 78 -3.02 -22.00 10.30
N LYS A 79 -3.41 -22.53 9.13
CA LYS A 79 -4.08 -23.82 9.08
C LYS A 79 -3.27 -24.91 9.73
N LYS A 80 -1.94 -24.80 9.71
CA LYS A 80 -1.11 -25.86 10.25
C LYS A 80 -0.39 -25.43 11.53
N VAL A 81 -0.73 -24.28 12.10
CA VAL A 81 0.02 -23.72 13.21
C VAL A 81 -0.92 -23.48 14.37
N ASP A 82 -0.51 -23.94 15.56
CA ASP A 82 -1.11 -23.44 16.79
C ASP A 82 -0.24 -22.28 17.25
N LEU A 83 -0.64 -21.07 16.88
CA LEU A 83 0.13 -19.89 17.27
C LEU A 83 0.40 -19.89 18.76
N PHE A 84 -0.54 -20.37 19.57
CA PHE A 84 -0.46 -20.10 20.99
C PHE A 84 0.41 -21.11 21.74
N LYS A 85 0.88 -22.18 21.09
CA LYS A 85 1.97 -22.96 21.67
C LYS A 85 3.34 -22.33 21.41
N LYS A 86 3.43 -21.33 20.56
CA LYS A 86 4.74 -20.78 20.29
C LYS A 86 5.14 -19.80 21.39
N SER A 87 6.43 -19.44 21.41
CA SER A 87 6.91 -18.39 22.29
C SER A 87 6.97 -17.03 21.60
N LEU A 88 7.27 -16.99 20.30
CA LEU A 88 7.55 -15.72 19.62
C LEU A 88 6.96 -15.76 18.23
N LEU A 89 6.13 -14.78 17.91
CA LEU A 89 5.68 -14.56 16.54
C LEU A 89 6.46 -13.37 15.98
N LEU A 90 7.04 -13.53 14.80
CA LEU A 90 7.70 -12.42 14.10
C LEU A 90 6.85 -12.02 12.90
N ILE A 91 6.55 -10.73 12.78
CA ILE A 91 5.74 -10.27 11.65
C ILE A 91 6.44 -9.09 11.00
N PRO A 92 7.05 -9.30 9.83
CA PRO A 92 7.69 -8.19 9.11
C PRO A 92 6.64 -7.27 8.51
N ILE A 93 6.84 -5.97 8.70
CA ILE A 93 5.89 -4.95 8.26
C ILE A 93 6.56 -4.18 7.13
N HIS A 94 5.83 -4.03 6.02
CA HIS A 94 6.31 -3.30 4.86
C HIS A 94 5.49 -2.03 4.69
N LEU A 95 6.17 -0.87 4.71
CA LEU A 95 5.60 0.47 4.65
C LEU A 95 6.17 1.24 3.46
N GLU A 96 5.60 1.00 2.27
CA GLU A 96 5.93 1.75 1.08
C GLU A 96 7.37 1.45 0.66
N VAL A 97 8.31 1.98 1.43
CA VAL A 97 9.69 2.04 1.01
C VAL A 97 10.55 1.48 2.13
N HIS A 98 9.93 0.71 3.02
CA HIS A 98 10.53 0.54 4.33
C HIS A 98 10.17 -0.82 4.92
N TRP A 99 11.11 -1.38 5.66
CA TRP A 99 10.94 -2.62 6.40
C TRP A 99 10.94 -2.33 7.89
N SER A 100 10.00 -2.93 8.60
CA SER A 100 9.91 -2.84 10.03
C SER A 100 9.43 -4.17 10.56
N LEU A 101 9.28 -4.26 11.88
CA LEU A 101 9.07 -5.57 12.52
C LEU A 101 8.13 -5.46 13.70
N ILE A 102 7.11 -6.31 13.74
CA ILE A 102 6.26 -6.51 14.91
C ILE A 102 6.57 -7.88 15.47
N THR A 103 6.65 -7.98 16.80
CA THR A 103 6.85 -9.23 17.51
C THR A 103 5.76 -9.41 18.56
N VAL A 104 5.38 -10.67 18.77
CA VAL A 104 4.42 -11.05 19.80
C VAL A 104 5.09 -12.11 20.66
N THR A 105 5.29 -11.79 21.93
CA THR A 105 5.83 -12.75 22.89
C THR A 105 4.64 -13.31 23.68
N LEU A 106 4.37 -14.59 23.53
CA LEU A 106 3.11 -15.12 24.05
C LEU A 106 3.11 -15.26 25.57
N SER A 107 4.26 -15.50 26.18
CA SER A 107 4.28 -15.75 27.62
C SER A 107 3.65 -14.60 28.40
N ASN A 108 3.89 -13.35 27.96
CA ASN A 108 3.42 -12.19 28.70
C ASN A 108 2.51 -11.28 27.87
N ARG A 109 2.08 -11.73 26.69
CA ARG A 109 1.11 -11.02 25.86
C ARG A 109 1.54 -9.60 25.55
N ILE A 110 2.76 -9.45 25.04
CA ILE A 110 3.31 -8.16 24.72
C ILE A 110 3.58 -8.11 23.22
N ILE A 111 3.02 -7.10 22.57
CA ILE A 111 3.22 -6.86 21.15
C ILE A 111 4.19 -5.70 21.00
N SER A 112 5.29 -5.90 20.30
CA SER A 112 6.31 -4.88 20.19
C SER A 112 6.50 -4.45 18.74
N PHE A 113 7.02 -3.25 18.56
CA PHE A 113 7.27 -2.72 17.23
C PHE A 113 8.72 -2.27 17.18
N TYR A 114 9.53 -2.93 16.34
CA TYR A 114 10.95 -2.58 16.17
C TYR A 114 11.16 -1.88 14.83
N ASP A 115 11.91 -0.78 14.84
CA ASP A 115 12.28 -0.09 13.60
C ASP A 115 13.63 0.58 13.75
N SER A 116 14.49 0.41 12.75
CA SER A 116 15.87 0.88 12.77
C SER A 116 16.02 2.33 12.32
N GLN A 117 14.92 3.07 12.21
CA GLN A 117 14.94 4.49 11.86
C GLN A 117 13.95 5.27 12.73
N GLY A 118 13.74 4.84 13.98
CA GLY A 118 12.85 5.53 14.89
C GLY A 118 11.38 5.70 14.51
N ILE A 119 10.94 5.14 13.38
CA ILE A 119 9.53 5.28 12.98
C ILE A 119 8.62 4.60 13.99
N HIS A 120 7.62 5.35 14.46
CA HIS A 120 6.57 4.85 15.35
C HIS A 120 5.33 4.59 14.51
N PHE A 121 4.93 3.32 14.37
CA PHE A 121 3.64 2.98 13.78
C PHE A 121 2.88 2.09 14.77
N LYS A 122 2.42 2.68 15.87
CA LYS A 122 1.56 1.90 16.74
C LYS A 122 0.17 1.72 16.15
N PHE A 123 -0.17 2.51 15.11
CA PHE A 123 -1.45 2.38 14.44
C PHE A 123 -1.67 0.96 13.90
N CYS A 124 -0.61 0.21 13.65
CA CYS A 124 -0.79 -1.11 13.05
C CYS A 124 -0.65 -2.27 14.03
N VAL A 125 -0.08 -2.04 15.22
CA VAL A 125 -0.06 -3.11 16.22
C VAL A 125 -1.44 -3.38 16.80
N GLU A 126 -2.41 -2.49 16.55
CA GLU A 126 -3.77 -2.77 16.97
C GLU A 126 -4.45 -3.75 16.03
N ASN A 127 -4.17 -3.64 14.73
CA ASN A 127 -4.59 -4.65 13.77
C ASN A 127 -4.12 -6.03 14.22
N ILE A 128 -2.88 -6.10 14.67
CA ILE A 128 -2.32 -7.34 15.20
C ILE A 128 -3.08 -7.81 16.43
N ARG A 129 -3.32 -6.89 17.36
CA ARG A 129 -4.06 -7.26 18.57
C ARG A 129 -5.43 -7.82 18.21
N LYS A 130 -6.15 -7.13 17.34
CA LYS A 130 -7.43 -7.66 16.89
C LYS A 130 -7.23 -9.03 16.27
N TYR A 131 -6.18 -9.20 15.46
CA TYR A 131 -5.95 -10.49 14.84
C TYR A 131 -5.79 -11.59 15.90
N LEU A 132 -4.98 -11.33 16.92
CA LEU A 132 -4.68 -12.36 17.91
C LEU A 132 -5.93 -12.77 18.70
N LEU A 133 -6.70 -11.77 19.15
CA LEU A 133 -7.95 -12.06 19.84
C LEU A 133 -8.91 -12.86 18.95
N THR A 134 -8.96 -12.54 17.66
CA THR A 134 -9.80 -13.32 16.76
C THR A 134 -9.29 -14.76 16.65
N GLU A 135 -8.00 -14.93 16.33
CA GLU A 135 -7.46 -16.28 16.22
C GLU A 135 -7.68 -17.08 17.49
N ALA A 136 -7.54 -16.43 18.65
CA ALA A 136 -7.77 -17.12 19.92
C ALA A 136 -9.19 -17.64 20.03
N ARG A 137 -10.15 -16.85 19.53
CA ARG A 137 -11.54 -17.27 19.54
C ARG A 137 -11.76 -18.53 18.71
N GLU A 138 -11.25 -18.56 17.47
CA GLU A 138 -11.42 -19.71 16.59
C GLU A 138 -10.66 -20.94 17.07
N LYS A 139 -9.46 -20.74 17.61
CA LYS A 139 -8.67 -21.89 18.08
C LYS A 139 -9.06 -22.31 19.50
N ASN A 140 -10.22 -21.84 19.98
CA ASN A 140 -10.77 -22.16 21.29
C ASN A 140 -9.72 -22.04 22.38
N ARG A 141 -9.19 -20.83 22.51
CA ARG A 141 -8.09 -20.54 23.42
C ARG A 141 -8.55 -19.45 24.37
N PRO A 142 -9.20 -19.82 25.48
CA PRO A 142 -9.70 -18.80 26.42
C PRO A 142 -8.60 -18.01 27.11
N GLU A 143 -7.44 -18.60 27.33
CA GLU A 143 -6.34 -17.95 28.04
C GLU A 143 -5.73 -16.77 27.25
N PHE A 144 -6.21 -16.49 26.03
CA PHE A 144 -5.64 -15.49 25.15
C PHE A 144 -6.71 -14.55 24.59
N LEU A 145 -7.90 -14.57 25.18
CA LEU A 145 -8.99 -13.66 24.86
C LEU A 145 -8.86 -12.31 25.57
N GLN A 146 -7.76 -12.07 26.27
CA GLN A 146 -7.52 -10.80 26.92
C GLN A 146 -6.04 -10.71 27.25
N GLY A 147 -5.62 -9.51 27.62
CA GLY A 147 -4.33 -9.35 28.24
C GLY A 147 -3.25 -8.76 27.37
N TRP A 148 -3.52 -8.52 26.09
CA TRP A 148 -2.47 -8.04 25.19
C TRP A 148 -2.04 -6.62 25.56
N GLN A 149 -0.74 -6.40 25.54
CA GLN A 149 -0.12 -5.12 25.87
C GLN A 149 0.64 -4.61 24.66
N THR A 150 0.80 -3.29 24.57
CA THR A 150 1.83 -2.73 23.71
C THR A 150 3.15 -2.68 24.49
N ALA A 151 4.25 -2.78 23.77
CA ALA A 151 5.55 -2.82 24.44
C ALA A 151 6.02 -1.40 24.77
N VAL A 152 6.59 -1.24 25.96
CA VAL A 152 7.26 0.02 26.30
C VAL A 152 8.52 0.13 25.44
N THR A 153 8.64 1.21 24.66
CA THR A 153 9.68 1.29 23.65
C THR A 153 11.07 1.27 24.30
N LYS A 154 12.01 0.61 23.63
CA LYS A 154 13.34 0.34 24.18
C LYS A 154 14.39 0.74 23.16
N CYS A 155 15.57 1.08 23.67
CA CYS A 155 16.67 1.46 22.79
C CYS A 155 17.18 0.22 22.08
N ILE A 156 17.07 0.21 20.76
CA ILE A 156 17.59 -0.87 19.93
C ILE A 156 18.48 -0.22 18.89
N PRO A 157 19.38 -0.98 18.27
CA PRO A 157 20.36 -0.37 17.37
C PRO A 157 19.69 0.28 16.16
N GLN A 158 20.01 1.54 15.93
CA GLN A 158 19.47 2.33 14.82
C GLN A 158 20.47 2.38 13.68
N GLN A 159 19.95 2.56 12.48
CA GLN A 159 20.78 2.65 11.30
C GLN A 159 21.23 4.10 11.08
N LYS A 160 22.40 4.23 10.44
CA LYS A 160 22.95 5.53 10.10
C LYS A 160 22.98 5.79 8.59
N ASN A 161 22.56 4.83 7.76
CA ASN A 161 22.34 5.08 6.35
C ASN A 161 20.85 4.90 6.08
N ASP A 162 20.48 4.92 4.79
CA ASP A 162 19.06 4.86 4.42
C ASP A 162 18.74 3.59 3.62
N SER A 163 19.49 2.51 3.85
CA SER A 163 19.29 1.31 3.04
C SER A 163 19.34 0.02 3.82
N ASP A 164 19.56 0.05 5.13
CA ASP A 164 19.83 -1.17 5.88
C ASP A 164 18.64 -1.60 6.75
N CYS A 165 17.45 -1.04 6.52
CA CYS A 165 16.32 -1.39 7.38
C CYS A 165 15.97 -2.86 7.26
N GLY A 166 15.97 -3.41 6.05
CA GLY A 166 15.71 -4.83 5.91
C GLY A 166 16.74 -5.66 6.66
N VAL A 167 18.01 -5.26 6.58
CA VAL A 167 19.09 -6.00 7.24
C VAL A 167 18.95 -5.89 8.74
N PHE A 168 18.56 -4.71 9.22
CA PHE A 168 18.33 -4.57 10.66
C PHE A 168 17.17 -5.46 11.10
N VAL A 169 16.12 -5.52 10.29
CA VAL A 169 14.95 -6.28 10.70
C VAL A 169 15.28 -7.76 10.81
N LEU A 170 16.07 -8.27 9.85
CA LEU A 170 16.44 -9.68 9.87
C LEU A 170 17.35 -10.00 11.04
N GLN A 171 18.26 -9.09 11.37
CA GLN A 171 19.13 -9.33 12.51
C GLN A 171 18.36 -9.29 13.83
N TYR A 172 17.37 -8.37 13.98
CA TYR A 172 16.52 -8.43 15.15
C TYR A 172 15.85 -9.80 15.25
N CYS A 173 15.39 -10.33 14.12
CA CYS A 173 14.72 -11.63 14.11
C CYS A 173 15.66 -12.74 14.54
N LYS A 174 16.88 -12.73 14.02
CA LYS A 174 17.80 -13.78 14.42
C LYS A 174 18.06 -13.68 15.91
N CYS A 175 18.36 -12.47 16.40
CA CYS A 175 18.67 -12.32 17.82
C CYS A 175 17.51 -12.75 18.69
N LEU A 176 16.30 -12.26 18.40
CA LEU A 176 15.13 -12.66 19.19
C LEU A 176 14.91 -14.17 19.12
N ALA A 177 15.06 -14.75 17.94
CA ALA A 177 14.77 -16.17 17.77
C ALA A 177 15.74 -17.04 18.57
N LEU A 178 17.02 -16.79 18.44
CA LEU A 178 18.04 -17.53 19.19
C LEU A 178 18.25 -16.95 20.59
N GLU A 179 17.44 -15.98 21.01
CA GLU A 179 17.41 -15.48 22.38
C GLU A 179 18.75 -14.86 22.80
N GLN A 180 19.39 -14.15 21.86
CA GLN A 180 20.62 -13.37 22.01
C GLN A 180 20.30 -11.89 22.23
N PRO A 181 21.25 -11.12 22.75
CA PRO A 181 21.04 -9.68 22.86
C PRO A 181 21.43 -8.97 21.57
N PHE A 182 20.93 -7.74 21.42
CA PHE A 182 21.25 -6.95 20.25
C PHE A 182 22.70 -6.64 20.60
N GLN A 183 23.65 -7.27 19.91
CA GLN A 183 25.07 -7.03 20.20
C GLN A 183 25.57 -6.71 18.79
N PHE A 184 25.09 -5.58 18.26
CA PHE A 184 25.48 -5.18 16.91
C PHE A 184 25.16 -3.70 16.69
N SER A 185 25.74 -3.15 15.62
CA SER A 185 25.55 -1.75 15.27
C SER A 185 25.71 -1.59 13.77
N GLN A 186 25.63 -0.33 13.31
CA GLN A 186 25.65 -0.03 11.89
C GLN A 186 26.89 -0.57 11.20
N GLU A 187 28.03 -0.56 11.89
CA GLU A 187 29.30 -0.96 11.30
C GLU A 187 29.40 -2.46 11.05
N ASP A 188 28.48 -3.23 11.62
CA ASP A 188 28.43 -4.66 11.40
C ASP A 188 27.61 -5.03 10.18
N MET A 189 26.82 -4.10 9.66
CA MET A 189 25.86 -4.41 8.59
C MET A 189 26.52 -5.03 7.36
N PRO A 190 27.61 -4.50 6.81
CA PRO A 190 28.27 -5.20 5.70
C PRO A 190 28.56 -6.66 5.99
N ARG A 191 29.09 -6.97 7.16
CA ARG A 191 29.33 -8.38 7.49
C ARG A 191 28.04 -9.15 7.59
N VAL A 192 26.97 -8.51 8.04
CA VAL A 192 25.72 -9.22 8.23
C VAL A 192 25.06 -9.49 6.89
N ARG A 193 25.07 -8.49 5.99
CA ARG A 193 24.64 -8.74 4.63
C ARG A 193 25.36 -9.98 4.06
N LYS A 194 26.66 -10.10 4.32
CA LYS A 194 27.40 -11.26 3.79
C LYS A 194 27.02 -12.54 4.51
N ARG A 195 26.77 -12.48 5.82
CA ARG A 195 26.38 -13.68 6.54
C ARG A 195 25.01 -14.15 6.09
N ILE A 196 24.06 -13.21 5.99
CA ILE A 196 22.71 -13.57 5.57
C ILE A 196 22.73 -14.19 4.19
N TYR A 197 23.61 -13.66 3.33
CA TYR A 197 23.77 -14.20 1.98
C TYR A 197 24.20 -15.66 2.00
N LYS A 198 25.25 -15.97 2.75
CA LYS A 198 25.71 -17.35 2.79
C LYS A 198 24.70 -18.25 3.47
N GLU A 199 24.09 -17.79 4.57
CA GLU A 199 23.06 -18.60 5.22
C GLU A 199 21.97 -18.96 4.21
N LEU A 200 21.61 -18.00 3.36
CA LEU A 200 20.57 -18.26 2.35
C LEU A 200 21.04 -19.28 1.30
N CYS A 201 22.30 -19.19 0.86
CA CYS A 201 22.77 -20.17 -0.12
C CYS A 201 22.80 -21.59 0.45
N GLU A 202 23.05 -21.72 1.74
CA GLU A 202 23.11 -23.01 2.41
C GLU A 202 21.77 -23.49 2.95
N CYS A 203 20.73 -22.65 2.97
CA CYS A 203 19.47 -22.97 3.64
C CYS A 203 19.72 -23.49 5.05
N ARG A 204 20.51 -22.74 5.81
CA ARG A 204 20.69 -23.02 7.23
C ARG A 204 21.36 -21.82 7.90
N LEU A 205 21.01 -21.59 9.17
CA LEU A 205 21.59 -20.50 9.96
C LEU A 205 23.00 -20.86 10.38
N MET A 206 23.98 -20.06 9.95
CA MET A 206 25.39 -20.38 10.17
C MET A 206 25.93 -19.53 11.30
N ASP A 207 25.50 -19.92 12.49
CA ASP A 207 25.78 -19.26 13.77
C ASP A 207 27.28 -19.08 14.04
N ALA B 18 -16.17 20.04 -12.07
CA ALA B 18 -16.79 19.46 -10.88
C ALA B 18 -18.23 18.93 -11.11
N SER B 19 -18.47 17.66 -10.77
CA SER B 19 -19.72 16.94 -11.09
C SER B 19 -20.48 16.55 -9.82
N MET B 20 -21.52 15.73 -10.00
CA MET B 20 -22.59 15.58 -9.00
C MET B 20 -22.25 14.57 -7.88
N LEU B 21 -21.59 13.46 -8.21
CA LEU B 21 -21.43 12.29 -7.33
C LEU B 21 -22.76 11.55 -7.27
N ASP B 22 -22.76 10.32 -6.75
CA ASP B 22 -23.98 9.52 -6.69
C ASP B 22 -24.22 9.16 -5.22
N MET B 23 -25.41 8.63 -4.96
CA MET B 23 -25.86 8.36 -3.59
C MET B 23 -24.87 7.48 -2.86
N ASP B 24 -24.32 6.47 -3.55
CA ASP B 24 -23.39 5.54 -2.91
C ASP B 24 -22.18 6.27 -2.35
N ASP B 25 -21.56 7.13 -3.18
CA ASP B 25 -20.38 7.86 -2.72
C ASP B 25 -20.75 8.86 -1.64
N LEU B 26 -21.94 9.46 -1.76
CA LEU B 26 -22.32 10.49 -0.80
C LEU B 26 -22.63 9.89 0.54
N ALA B 27 -23.16 8.67 0.55
CA ALA B 27 -23.48 8.03 1.81
C ALA B 27 -22.24 7.78 2.68
N THR B 28 -21.03 7.79 2.10
CA THR B 28 -19.89 7.60 2.99
C THR B 28 -19.68 8.78 3.92
N LEU B 29 -20.44 9.86 3.75
CA LEU B 29 -20.49 10.93 4.74
C LEU B 29 -21.54 10.71 5.81
N ASP B 30 -22.47 9.78 5.57
CA ASP B 30 -23.57 9.53 6.53
C ASP B 30 -23.02 9.02 7.86
N GLY B 31 -23.56 9.52 8.96
CA GLY B 31 -23.15 9.06 10.30
C GLY B 31 -21.65 9.09 10.52
N GLN B 32 -21.05 7.93 10.70
CA GLN B 32 -19.59 7.85 10.90
C GLN B 32 -18.99 6.91 9.85
N ASN B 33 -19.50 6.92 8.62
CA ASN B 33 -18.87 6.11 7.59
C ASN B 33 -17.49 6.63 7.25
N TRP B 34 -16.68 5.74 6.69
CA TRP B 34 -15.36 6.11 6.19
C TRP B 34 -15.51 6.81 4.87
N LEU B 35 -14.97 8.02 4.76
CA LEU B 35 -14.99 8.70 3.47
C LEU B 35 -14.22 7.86 2.45
N ASN B 36 -14.68 7.92 1.21
CA ASN B 36 -14.00 7.23 0.14
C ASN B 36 -13.37 8.25 -0.79
N ASP B 37 -12.60 7.72 -1.75
CA ASP B 37 -11.86 8.56 -2.70
C ASP B 37 -12.76 9.46 -3.52
N GLN B 38 -14.04 9.12 -3.65
CA GLN B 38 -14.92 9.94 -4.46
C GLN B 38 -15.33 11.21 -3.72
N VAL B 39 -15.59 11.11 -2.43
CA VAL B 39 -15.77 12.33 -1.67
C VAL B 39 -14.48 13.12 -1.64
N ILE B 40 -13.37 12.48 -1.25
CA ILE B 40 -12.10 13.21 -1.09
C ILE B 40 -11.77 13.96 -2.38
N ASN B 41 -11.79 13.26 -3.52
CA ASN B 41 -11.33 13.87 -4.77
C ASN B 41 -12.31 14.93 -5.26
N MET B 42 -13.62 14.68 -5.10
CA MET B 42 -14.61 15.64 -5.58
C MET B 42 -14.52 16.94 -4.80
N TYR B 43 -14.47 16.86 -3.47
CA TYR B 43 -14.33 18.06 -2.67
C TYR B 43 -13.05 18.81 -3.04
N GLY B 44 -11.99 18.07 -3.34
CA GLY B 44 -10.79 18.72 -3.82
C GLY B 44 -11.09 19.58 -5.02
N GLU B 45 -11.94 19.10 -5.93
CA GLU B 45 -12.30 19.92 -7.07
C GLU B 45 -13.17 21.11 -6.68
N LEU B 46 -14.01 20.98 -5.65
CA LEU B 46 -14.73 22.15 -5.18
C LEU B 46 -13.75 23.22 -4.75
N ILE B 47 -12.78 22.83 -3.92
CA ILE B 47 -11.78 23.76 -3.40
C ILE B 47 -11.00 24.42 -4.54
N MET B 48 -10.53 23.63 -5.51
CA MET B 48 -9.79 24.22 -6.63
C MET B 48 -10.66 25.21 -7.38
N ASP B 49 -11.90 24.83 -7.71
CA ASP B 49 -12.81 25.72 -8.41
C ASP B 49 -13.00 27.04 -7.69
N ALA B 50 -12.87 27.05 -6.36
CA ALA B 50 -13.12 28.29 -5.63
C ALA B 50 -11.90 29.22 -5.71
N VAL B 51 -10.69 28.67 -5.58
CA VAL B 51 -9.48 29.51 -5.59
C VAL B 51 -8.52 28.97 -6.65
N PRO B 52 -8.93 28.92 -7.92
CA PRO B 52 -8.14 28.16 -8.91
C PRO B 52 -6.75 28.71 -9.18
N ASP B 53 -6.53 30.01 -8.98
CA ASP B 53 -5.21 30.54 -9.24
C ASP B 53 -4.24 30.22 -8.11
N LYS B 54 -4.75 29.93 -6.92
CA LYS B 54 -3.92 29.80 -5.74
C LYS B 54 -3.71 28.37 -5.27
N VAL B 55 -4.61 27.44 -5.59
CA VAL B 55 -4.53 26.07 -5.06
C VAL B 55 -4.56 25.11 -6.22
N HIS B 56 -3.65 24.14 -6.21
CA HIS B 56 -3.78 22.95 -7.04
C HIS B 56 -4.01 21.73 -6.15
N PHE B 57 -5.04 20.96 -6.46
CA PHE B 57 -5.41 19.83 -5.63
C PHE B 57 -5.05 18.57 -6.38
N PHE B 58 -4.21 17.74 -5.77
CA PHE B 58 -3.76 16.51 -6.39
C PHE B 58 -4.75 15.40 -6.08
N ASN B 59 -5.26 14.76 -7.10
CA ASN B 59 -6.10 13.60 -6.94
C ASN B 59 -5.47 12.55 -5.99
N SER B 60 -6.29 11.73 -5.33
CA SER B 60 -5.83 10.81 -4.28
C SER B 60 -5.14 9.55 -4.81
N PHE B 61 -5.07 9.36 -6.13
CA PHE B 61 -4.29 8.27 -6.72
C PHE B 61 -2.91 8.73 -7.15
N PHE B 62 -2.67 10.04 -7.16
CA PHE B 62 -1.34 10.57 -7.46
C PHE B 62 -0.28 9.89 -6.60
N HIS B 63 -0.46 9.89 -5.27
CA HIS B 63 0.57 9.34 -4.40
C HIS B 63 0.86 7.88 -4.71
N ARG B 64 -0.17 7.07 -4.95
CA ARG B 64 0.12 5.67 -5.23
C ARG B 64 0.85 5.53 -6.56
N GLN B 65 0.44 6.30 -7.56
CA GLN B 65 1.13 6.26 -8.83
C GLN B 65 2.56 6.77 -8.72
N LEU B 66 2.79 7.76 -7.87
CA LEU B 66 4.13 8.30 -7.76
C LEU B 66 5.06 7.26 -7.15
N VAL B 67 4.65 6.62 -6.06
CA VAL B 67 5.53 5.66 -5.41
C VAL B 67 5.77 4.45 -6.31
N THR B 68 4.70 3.90 -6.91
CA THR B 68 4.82 2.61 -7.57
C THR B 68 5.35 2.70 -9.00
N LYS B 69 5.21 3.85 -9.68
CA LYS B 69 5.73 3.99 -11.04
C LYS B 69 6.60 5.23 -11.20
N GLY B 70 6.99 5.88 -10.11
CA GLY B 70 7.97 6.95 -10.14
C GLY B 70 7.51 8.17 -10.89
N TYR B 71 8.38 9.19 -10.95
CA TYR B 71 8.07 10.39 -11.71
C TYR B 71 7.59 10.10 -13.12
N ASN B 72 7.92 8.94 -13.68
CA ASN B 72 7.50 8.65 -15.05
C ASN B 72 6.01 8.34 -15.15
N GLY B 73 5.38 7.89 -14.08
CA GLY B 73 3.97 7.58 -14.10
C GLY B 73 3.05 8.74 -13.83
N VAL B 74 3.59 9.86 -13.31
CA VAL B 74 2.81 11.04 -13.01
C VAL B 74 3.29 12.28 -13.76
N LYS B 75 4.36 12.18 -14.54
CA LYS B 75 4.92 13.35 -15.21
C LYS B 75 3.89 14.03 -16.08
N ARG B 76 3.01 13.27 -16.73
CA ARG B 76 2.01 13.86 -17.61
C ARG B 76 0.78 14.34 -16.89
N TRP B 77 0.66 14.09 -15.59
CA TRP B 77 -0.52 14.55 -14.85
C TRP B 77 -0.49 16.05 -14.56
N THR B 78 0.60 16.74 -14.87
CA THR B 78 0.69 18.18 -14.66
C THR B 78 0.82 18.95 -15.95
N LYS B 79 0.48 18.32 -17.08
CA LYS B 79 0.71 18.93 -18.39
C LYS B 79 -0.16 20.16 -18.65
N LYS B 80 -1.16 20.44 -17.83
CA LYS B 80 -1.96 21.65 -18.03
C LYS B 80 -1.92 22.59 -16.83
N VAL B 81 -0.96 22.43 -15.94
CA VAL B 81 -0.88 23.23 -14.72
C VAL B 81 0.58 23.52 -14.43
N ASP B 82 0.89 24.78 -14.12
CA ASP B 82 2.22 25.19 -13.68
C ASP B 82 2.20 25.22 -12.16
N LEU B 83 2.58 24.09 -11.56
CA LEU B 83 2.57 24.00 -10.10
C LEU B 83 3.24 25.18 -9.45
N PHE B 84 4.26 25.74 -10.09
CA PHE B 84 5.09 26.72 -9.40
C PHE B 84 4.54 28.13 -9.47
N LYS B 85 3.52 28.36 -10.27
CA LYS B 85 2.77 29.60 -10.16
C LYS B 85 1.73 29.56 -9.06
N LYS B 86 1.23 28.37 -8.71
CA LYS B 86 0.22 28.30 -7.66
C LYS B 86 0.81 28.74 -6.33
N SER B 87 -0.02 28.78 -5.30
CA SER B 87 0.42 29.20 -3.98
C SER B 87 0.35 28.10 -2.94
N LEU B 88 -0.54 27.11 -3.12
CA LEU B 88 -0.68 25.97 -2.21
C LEU B 88 -0.99 24.70 -3.01
N LEU B 89 -0.26 23.64 -2.74
CA LEU B 89 -0.52 22.33 -3.34
C LEU B 89 -1.03 21.40 -2.24
N LEU B 90 -2.20 20.80 -2.47
CA LEU B 90 -2.83 19.89 -1.53
C LEU B 90 -2.80 18.48 -2.09
N ILE B 91 -2.17 17.56 -1.38
CA ILE B 91 -2.06 16.16 -1.81
C ILE B 91 -2.62 15.24 -0.74
N PRO B 92 -3.78 14.63 -0.94
CA PRO B 92 -4.29 13.63 0.01
C PRO B 92 -3.49 12.35 -0.14
N ILE B 93 -3.23 11.71 1.00
CA ILE B 93 -2.46 10.47 1.03
C ILE B 93 -3.34 9.36 1.57
N HIS B 94 -3.36 8.24 0.88
CA HIS B 94 -4.09 7.08 1.34
C HIS B 94 -3.08 6.08 1.92
N LEU B 95 -2.96 6.10 3.25
CA LEU B 95 -2.26 5.05 3.98
C LEU B 95 -3.21 3.90 4.22
N GLU B 96 -2.69 2.82 4.80
CA GLU B 96 -3.33 1.51 4.76
C GLU B 96 -4.87 1.54 4.88
N VAL B 97 -5.40 2.36 5.78
CA VAL B 97 -6.84 2.44 5.96
C VAL B 97 -7.07 3.79 6.58
N HIS B 98 -6.46 4.81 6.01
CA HIS B 98 -6.29 6.03 6.74
C HIS B 98 -6.02 7.14 5.75
N TRP B 99 -6.51 8.34 6.09
CA TRP B 99 -6.41 9.51 5.24
C TRP B 99 -5.47 10.50 5.90
N SER B 100 -4.49 10.96 5.15
CA SER B 100 -3.57 11.97 5.62
C SER B 100 -3.44 13.00 4.53
N LEU B 101 -2.73 14.06 4.83
CA LEU B 101 -2.66 15.18 3.91
C LEU B 101 -1.23 15.67 3.86
N ILE B 102 -0.75 15.95 2.66
CA ILE B 102 0.53 16.61 2.48
C ILE B 102 0.27 17.97 1.84
N THR B 103 0.87 19.00 2.40
CA THR B 103 0.67 20.36 1.94
C THR B 103 2.01 20.89 1.44
N VAL B 104 1.99 21.65 0.34
CA VAL B 104 3.19 22.23 -0.26
C VAL B 104 2.93 23.71 -0.51
N THR B 105 3.58 24.57 0.26
CA THR B 105 3.44 26.02 0.08
C THR B 105 4.67 26.53 -0.68
N LEU B 106 4.44 27.12 -1.85
CA LEU B 106 5.55 27.49 -2.73
C LEU B 106 6.27 28.78 -2.30
N SER B 107 5.56 29.73 -1.70
CA SER B 107 6.19 30.98 -1.32
C SER B 107 7.35 30.76 -0.36
N ASN B 108 7.30 29.69 0.43
CA ASN B 108 8.32 29.43 1.42
C ASN B 108 8.90 28.02 1.35
N ARG B 109 8.42 27.19 0.43
CA ARG B 109 8.97 25.86 0.13
C ARG B 109 9.00 24.93 1.35
N ILE B 110 7.86 24.87 2.07
CA ILE B 110 7.65 23.88 3.13
C ILE B 110 6.70 22.79 2.62
N ILE B 111 7.03 21.54 2.96
CA ILE B 111 6.31 20.34 2.53
C ILE B 111 5.96 19.63 3.83
N SER B 112 4.73 19.80 4.31
CA SER B 112 4.40 19.36 5.66
C SER B 112 3.35 18.26 5.62
N PHE B 113 3.54 17.27 6.49
CA PHE B 113 2.58 16.21 6.72
C PHE B 113 1.53 16.67 7.72
N TYR B 114 0.25 16.62 7.33
CA TYR B 114 -0.86 16.78 8.25
C TYR B 114 -1.51 15.44 8.50
N ASP B 115 -1.87 15.19 9.75
CA ASP B 115 -2.65 13.99 10.04
C ASP B 115 -3.44 14.23 11.31
N SER B 116 -4.59 13.56 11.41
CA SER B 116 -5.49 13.80 12.52
C SER B 116 -5.40 12.74 13.61
N GLN B 117 -4.45 11.78 13.51
CA GLN B 117 -4.27 10.74 14.50
C GLN B 117 -2.84 10.62 14.99
N GLY B 118 -1.97 11.60 14.70
CA GLY B 118 -0.59 11.58 15.16
C GLY B 118 0.42 10.88 14.26
N ILE B 119 -0.01 10.30 13.14
CA ILE B 119 0.90 9.63 12.21
C ILE B 119 1.84 10.67 11.59
N HIS B 120 3.09 10.28 11.33
CA HIS B 120 3.96 11.10 10.49
C HIS B 120 5.06 10.24 9.86
N PHE B 121 4.99 10.08 8.55
CA PHE B 121 5.87 9.23 7.77
C PHE B 121 6.79 10.14 6.96
N LYS B 122 8.03 10.30 7.43
CA LYS B 122 8.95 11.22 6.76
C LYS B 122 9.23 10.80 5.32
N PHE B 123 9.05 9.52 4.98
CA PHE B 123 9.32 9.14 3.59
C PHE B 123 8.31 9.74 2.63
N CYS B 124 7.10 10.06 3.11
CA CYS B 124 6.07 10.58 2.23
C CYS B 124 6.39 12.00 1.79
N VAL B 125 6.74 12.87 2.75
CA VAL B 125 7.15 14.21 2.37
C VAL B 125 8.43 14.15 1.54
N GLU B 126 9.28 13.16 1.78
CA GLU B 126 10.51 13.03 1.00
C GLU B 126 10.23 12.57 -0.43
N ASN B 127 9.24 11.70 -0.59
CA ASN B 127 8.80 11.35 -1.93
C ASN B 127 8.37 12.58 -2.71
N ILE B 128 7.71 13.52 -2.02
CA ILE B 128 7.11 14.68 -2.69
C ILE B 128 8.19 15.69 -3.07
N ARG B 129 9.17 15.91 -2.19
CA ARG B 129 10.31 16.76 -2.54
C ARG B 129 11.00 16.29 -3.82
N LYS B 130 11.22 14.98 -3.97
CA LYS B 130 11.88 14.49 -5.17
C LYS B 130 11.04 14.74 -6.39
N TYR B 131 9.72 14.50 -6.28
CA TYR B 131 8.81 14.87 -7.36
C TYR B 131 8.98 16.34 -7.73
N LEU B 132 8.93 17.21 -6.74
CA LEU B 132 8.99 18.64 -7.03
C LEU B 132 10.31 19.01 -7.69
N LEU B 133 11.42 18.48 -7.20
CA LEU B 133 12.70 18.77 -7.80
C LEU B 133 12.73 18.31 -9.25
N THR B 134 12.19 17.12 -9.51
CA THR B 134 12.15 16.61 -10.88
C THR B 134 11.21 17.44 -11.73
N GLU B 135 10.09 17.89 -11.17
CA GLU B 135 9.16 18.72 -11.94
C GLU B 135 9.77 20.07 -12.25
N ALA B 136 10.41 20.70 -11.26
CA ALA B 136 11.16 21.91 -11.50
C ALA B 136 12.16 21.72 -12.64
N ARG B 137 12.93 20.62 -12.58
CA ARG B 137 13.88 20.32 -13.64
C ARG B 137 13.17 20.24 -14.99
N GLU B 138 12.26 19.27 -15.15
CA GLU B 138 11.69 19.01 -16.47
C GLU B 138 10.87 20.19 -16.99
N LYS B 139 10.27 20.98 -16.12
CA LYS B 139 9.48 22.12 -16.58
C LYS B 139 10.28 23.41 -16.61
N ASN B 140 11.60 23.34 -16.41
CA ASN B 140 12.52 24.47 -16.51
C ASN B 140 12.06 25.64 -15.64
N ARG B 141 11.95 25.37 -14.33
CA ARG B 141 11.76 26.38 -13.31
C ARG B 141 12.92 26.22 -12.33
N PRO B 142 14.10 26.68 -12.70
CA PRO B 142 15.31 26.34 -11.90
C PRO B 142 15.38 27.02 -10.54
N GLU B 143 14.67 28.13 -10.33
CA GLU B 143 14.64 28.79 -9.03
C GLU B 143 14.03 27.91 -7.95
N PHE B 144 13.36 26.81 -8.32
CA PHE B 144 12.74 25.89 -7.39
C PHE B 144 13.54 24.61 -7.20
N LEU B 145 14.77 24.55 -7.72
CA LEU B 145 15.56 23.35 -7.52
C LEU B 145 16.25 23.32 -6.18
N GLN B 146 16.10 24.36 -5.36
CA GLN B 146 16.72 24.38 -4.04
C GLN B 146 15.81 25.13 -3.08
N GLY B 147 15.88 24.73 -1.81
CA GLY B 147 15.22 25.47 -0.74
C GLY B 147 14.22 24.66 0.05
N TRP B 148 13.78 23.50 -0.45
CA TRP B 148 12.66 22.80 0.15
C TRP B 148 13.02 22.27 1.53
N GLN B 149 12.14 22.51 2.51
CA GLN B 149 12.25 21.93 3.84
C GLN B 149 11.07 21.00 4.09
N THR B 150 11.25 20.04 4.99
CA THR B 150 10.22 19.07 5.34
C THR B 150 9.81 19.24 6.80
N ALA B 151 8.53 19.05 7.08
CA ALA B 151 8.01 19.32 8.43
C ALA B 151 6.82 18.42 8.74
N VAL B 152 6.39 18.47 10.00
CA VAL B 152 5.13 17.89 10.46
C VAL B 152 4.37 18.96 11.24
N THR B 153 3.12 19.18 10.87
CA THR B 153 2.35 20.24 11.52
C THR B 153 1.81 19.72 12.83
N LYS B 154 2.24 20.33 13.93
CA LYS B 154 1.84 19.86 15.25
C LYS B 154 0.51 20.44 15.69
N CYS B 155 0.30 21.74 15.44
CA CYS B 155 -0.79 22.51 16.04
C CYS B 155 -2.07 22.35 15.22
N ILE B 156 -2.63 21.16 15.29
CA ILE B 156 -3.67 20.76 14.34
C ILE B 156 -4.69 19.91 15.09
N PRO B 157 -5.97 20.27 15.04
CA PRO B 157 -6.96 19.52 15.84
C PRO B 157 -6.94 18.03 15.49
N GLN B 158 -7.06 17.20 16.53
CA GLN B 158 -6.94 15.76 16.38
C GLN B 158 -8.30 15.10 16.55
N GLN B 159 -8.43 13.90 15.99
CA GLN B 159 -9.68 13.16 16.06
C GLN B 159 -9.67 12.27 17.30
N LYS B 160 -10.83 12.18 17.96
CA LYS B 160 -10.98 11.35 19.15
C LYS B 160 -11.75 10.07 18.88
N ASN B 161 -11.99 9.74 17.62
CA ASN B 161 -12.59 8.46 17.26
C ASN B 161 -11.77 7.77 16.17
N ASP B 162 -12.35 6.75 15.50
CA ASP B 162 -11.59 6.01 14.50
C ASP B 162 -12.18 6.12 13.11
N SER B 163 -13.08 7.08 12.86
CA SER B 163 -13.75 7.17 11.58
C SER B 163 -13.60 8.50 10.84
N ASP B 164 -13.12 9.55 11.49
CA ASP B 164 -13.28 10.87 10.92
C ASP B 164 -12.05 11.37 10.14
N CYS B 165 -11.04 10.51 9.90
CA CYS B 165 -9.77 11.02 9.38
C CYS B 165 -9.93 11.75 8.04
N GLY B 166 -10.78 11.25 7.15
CA GLY B 166 -11.00 11.94 5.90
C GLY B 166 -11.73 13.26 6.07
N VAL B 167 -12.57 13.38 7.08
CA VAL B 167 -13.28 14.63 7.29
C VAL B 167 -12.33 15.69 7.81
N PHE B 168 -11.50 15.31 8.78
CA PHE B 168 -10.42 16.19 9.21
C PHE B 168 -9.59 16.64 8.00
N VAL B 169 -9.20 15.70 7.14
CA VAL B 169 -8.37 16.07 6.00
C VAL B 169 -9.09 17.09 5.14
N LEU B 170 -10.37 16.88 4.87
CA LEU B 170 -11.11 17.81 4.02
C LEU B 170 -11.28 19.16 4.70
N GLN B 171 -11.49 19.14 6.03
CA GLN B 171 -11.56 20.39 6.77
C GLN B 171 -10.22 21.11 6.79
N TYR B 172 -9.12 20.37 6.94
CA TYR B 172 -7.79 20.98 6.81
C TYR B 172 -7.69 21.71 5.48
N CYS B 173 -8.09 21.04 4.39
CA CYS B 173 -8.00 21.63 3.06
C CYS B 173 -8.85 22.89 2.94
N LYS B 174 -10.07 22.86 3.48
CA LYS B 174 -10.94 24.02 3.38
C LYS B 174 -10.33 25.22 4.10
N CYS B 175 -9.85 24.99 5.32
CA CYS B 175 -9.21 26.05 6.08
C CYS B 175 -8.00 26.62 5.33
N LEU B 176 -7.04 25.75 5.01
CA LEU B 176 -5.90 26.15 4.19
C LEU B 176 -6.34 26.98 2.99
N ALA B 177 -7.19 26.41 2.14
CA ALA B 177 -7.57 27.10 0.91
C ALA B 177 -8.15 28.49 1.19
N LEU B 178 -9.05 28.59 2.16
CA LEU B 178 -9.68 29.89 2.45
C LEU B 178 -8.88 30.74 3.42
N GLU B 179 -7.67 30.30 3.79
CA GLU B 179 -6.79 31.07 4.66
C GLU B 179 -7.47 31.40 5.99
N GLN B 180 -7.92 30.34 6.65
CA GLN B 180 -8.66 30.44 7.89
C GLN B 180 -7.94 29.70 8.99
N PRO B 181 -8.04 30.16 10.24
CA PRO B 181 -7.48 29.37 11.35
C PRO B 181 -8.25 28.07 11.52
N PHE B 182 -7.59 27.11 12.18
CA PHE B 182 -8.14 25.77 12.42
C PHE B 182 -9.01 25.73 13.67
N GLN B 183 -9.99 26.65 13.76
CA GLN B 183 -10.85 26.76 14.94
C GLN B 183 -11.95 25.70 14.87
N PHE B 184 -11.56 24.45 15.06
CA PHE B 184 -12.57 23.41 15.10
C PHE B 184 -12.04 22.26 15.93
N SER B 185 -12.95 21.42 16.39
CA SER B 185 -12.57 20.29 17.19
C SER B 185 -13.38 19.09 16.72
N GLN B 186 -13.01 17.91 17.24
CA GLN B 186 -13.75 16.68 17.00
C GLN B 186 -15.25 16.92 17.13
N GLU B 187 -15.62 17.83 18.03
CA GLU B 187 -17.03 18.02 18.36
C GLU B 187 -17.81 18.55 17.15
N ASP B 188 -17.14 19.23 16.22
CA ASP B 188 -17.79 19.81 15.04
C ASP B 188 -17.95 18.82 13.90
N MET B 189 -17.33 17.65 13.97
CA MET B 189 -17.29 16.79 12.80
C MET B 189 -18.65 16.33 12.30
N PRO B 190 -19.67 16.05 13.14
CA PRO B 190 -20.98 15.71 12.55
C PRO B 190 -21.51 16.84 11.69
N ARG B 191 -21.32 18.08 12.13
CA ARG B 191 -21.68 19.25 11.32
C ARG B 191 -20.90 19.28 10.01
N VAL B 192 -19.56 19.18 10.11
CA VAL B 192 -18.73 19.23 8.91
C VAL B 192 -19.19 18.20 7.88
N ARG B 193 -19.47 16.97 8.32
CA ARG B 193 -19.98 15.97 7.39
C ARG B 193 -21.20 16.51 6.66
N LYS B 194 -22.10 17.18 7.39
CA LYS B 194 -23.30 17.70 6.77
C LYS B 194 -22.99 18.85 5.82
N ARG B 195 -22.09 19.76 6.23
CA ARG B 195 -21.74 20.85 5.33
C ARG B 195 -21.08 20.32 4.06
N ILE B 196 -20.18 19.35 4.22
CA ILE B 196 -19.52 18.78 3.04
C ILE B 196 -20.56 18.15 2.13
N TYR B 197 -21.51 17.41 2.70
CA TYR B 197 -22.56 16.84 1.89
C TYR B 197 -23.30 17.94 1.13
N LYS B 198 -23.74 18.98 1.83
CA LYS B 198 -24.44 20.07 1.15
C LYS B 198 -23.59 20.66 0.04
N GLU B 199 -22.33 21.00 0.36
CA GLU B 199 -21.49 21.65 -0.62
C GLU B 199 -21.33 20.80 -1.87
N LEU B 200 -21.21 19.48 -1.70
CA LEU B 200 -21.02 18.62 -2.87
C LEU B 200 -22.27 18.61 -3.76
N CYS B 201 -23.47 18.65 -3.17
CA CYS B 201 -24.69 18.64 -3.99
C CYS B 201 -24.89 19.95 -4.72
N GLU B 202 -24.48 21.08 -4.15
CA GLU B 202 -24.55 22.32 -4.92
C GLU B 202 -23.40 22.47 -5.90
N CYS B 203 -22.39 21.58 -5.84
CA CYS B 203 -21.15 21.72 -6.63
C CYS B 203 -20.53 23.09 -6.43
N ARG B 204 -20.72 23.63 -5.22
CA ARG B 204 -20.36 24.98 -4.81
C ARG B 204 -19.81 24.87 -3.41
N LEU B 205 -18.64 25.46 -3.19
CA LEU B 205 -18.03 25.51 -1.87
C LEU B 205 -18.56 26.74 -1.13
N MET B 206 -19.01 26.56 0.11
CA MET B 206 -19.48 27.70 0.87
C MET B 206 -18.33 28.62 1.28
N ASP B 207 -18.67 29.71 1.96
CA ASP B 207 -17.66 30.68 2.39
C ASP B 207 -17.56 30.88 3.91
N ASP C 3 -11.22 -35.45 -13.92
CA ASP C 3 -10.51 -35.02 -12.71
C ASP C 3 -10.05 -33.55 -12.78
N HIS C 4 -10.92 -32.66 -13.23
CA HIS C 4 -10.54 -31.26 -13.30
C HIS C 4 -10.93 -30.55 -12.00
N ILE C 5 -10.33 -29.38 -11.77
CA ILE C 5 -10.61 -28.56 -10.60
C ILE C 5 -10.67 -27.10 -11.05
N ASN C 6 -11.45 -26.31 -10.34
CA ASN C 6 -11.55 -24.89 -10.60
C ASN C 6 -10.72 -24.12 -9.59
N LEU C 7 -9.99 -23.13 -10.07
CA LEU C 7 -9.10 -22.38 -9.20
C LEU C 7 -9.20 -20.91 -9.56
N LYS C 8 -9.24 -20.06 -8.52
CA LYS C 8 -9.28 -18.62 -8.69
C LYS C 8 -7.92 -18.02 -8.37
N VAL C 9 -7.54 -17.00 -9.14
CA VAL C 9 -6.25 -16.33 -8.96
C VAL C 9 -6.52 -14.85 -8.72
N ALA C 10 -6.32 -14.40 -7.49
CA ALA C 10 -6.73 -13.07 -7.05
C ALA C 10 -5.53 -12.14 -6.95
N GLY C 11 -5.64 -10.94 -7.53
CA GLY C 11 -4.53 -10.01 -7.51
C GLY C 11 -4.68 -8.81 -6.57
N GLN C 12 -3.57 -8.13 -6.31
CA GLN C 12 -3.57 -6.89 -5.53
C GLN C 12 -4.48 -5.81 -6.10
N ASP C 13 -4.90 -5.94 -7.37
CA ASP C 13 -5.82 -4.97 -7.96
C ASP C 13 -7.27 -5.39 -7.78
N GLY C 14 -7.53 -6.45 -7.01
CA GLY C 14 -8.87 -6.92 -6.81
C GLY C 14 -9.39 -7.85 -7.89
N SER C 15 -8.72 -7.87 -9.05
CA SER C 15 -9.03 -8.80 -10.14
C SER C 15 -9.12 -10.24 -9.65
N VAL C 16 -9.91 -11.04 -10.37
CA VAL C 16 -10.04 -12.48 -10.12
C VAL C 16 -10.17 -13.18 -11.46
N VAL C 17 -9.44 -14.29 -11.63
CA VAL C 17 -9.43 -15.05 -12.88
C VAL C 17 -9.60 -16.53 -12.54
N GLN C 18 -10.44 -17.20 -13.32
CA GLN C 18 -10.73 -18.61 -13.09
C GLN C 18 -9.90 -19.49 -14.01
N PHE C 19 -9.67 -20.74 -13.57
CA PHE C 19 -8.89 -21.72 -14.31
C PHE C 19 -9.44 -23.11 -14.02
N LYS C 20 -9.45 -23.97 -15.04
CA LYS C 20 -9.61 -25.40 -14.86
C LYS C 20 -8.25 -26.07 -15.01
N ILE C 21 -7.95 -27.00 -14.12
CA ILE C 21 -6.67 -27.68 -14.12
C ILE C 21 -6.88 -29.02 -13.44
N LYS C 22 -6.17 -30.03 -13.90
CA LYS C 22 -6.20 -31.33 -13.25
C LYS C 22 -5.42 -31.27 -11.95
N ARG C 23 -5.97 -31.88 -10.89
CA ARG C 23 -5.37 -31.77 -9.56
C ARG C 23 -3.93 -32.28 -9.50
N HIS C 24 -3.43 -32.92 -10.55
CA HIS C 24 -2.12 -33.55 -10.52
C HIS C 24 -1.18 -33.02 -11.60
N THR C 25 -1.63 -32.11 -12.46
CA THR C 25 -0.73 -31.32 -13.27
C THR C 25 0.05 -30.35 -12.39
N PRO C 26 1.32 -30.08 -12.70
CA PRO C 26 2.04 -29.06 -11.93
C PRO C 26 1.54 -27.67 -12.26
N LEU C 27 1.49 -26.82 -11.23
CA LEU C 27 0.91 -25.50 -11.32
C LEU C 27 1.72 -24.54 -12.17
N SER C 28 2.82 -24.98 -12.78
CA SER C 28 3.60 -24.05 -13.59
C SER C 28 2.83 -23.57 -14.82
N LYS C 29 1.97 -24.43 -15.38
CA LYS C 29 1.21 -24.02 -16.55
C LYS C 29 0.13 -22.99 -16.21
N LEU C 30 -0.43 -23.04 -15.00
CA LEU C 30 -1.38 -22.00 -14.58
C LEU C 30 -0.65 -20.69 -14.32
N MET C 31 0.47 -20.75 -13.60
CA MET C 31 1.25 -19.55 -13.34
C MET C 31 1.74 -18.91 -14.63
N LYS C 32 2.21 -19.72 -15.58
CA LYS C 32 2.65 -19.11 -16.83
C LYS C 32 1.47 -18.62 -17.65
N ALA C 33 0.33 -19.32 -17.59
CA ALA C 33 -0.87 -18.81 -18.27
C ALA C 33 -1.31 -17.48 -17.67
N TYR C 34 -1.40 -17.40 -16.34
CA TYR C 34 -1.85 -16.17 -15.68
C TYR C 34 -0.95 -15.00 -16.01
N CYS C 35 0.36 -15.23 -16.05
CA CYS C 35 1.28 -14.17 -16.42
C CYS C 35 0.99 -13.63 -17.81
N GLU C 36 1.05 -14.51 -18.82
CA GLU C 36 0.87 -14.07 -20.21
C GLU C 36 -0.44 -13.31 -20.40
N ARG C 37 -1.50 -13.74 -19.71
CA ARG C 37 -2.82 -13.13 -19.88
C ARG C 37 -2.92 -11.75 -19.27
N GLN C 38 -2.23 -11.50 -18.14
CA GLN C 38 -2.31 -10.22 -17.45
C GLN C 38 -1.17 -9.29 -17.79
N GLY C 39 -0.25 -9.70 -18.65
CA GLY C 39 0.89 -8.84 -18.93
C GLY C 39 1.96 -8.79 -17.85
N LEU C 40 1.95 -9.74 -16.91
CA LEU C 40 2.81 -9.66 -15.75
C LEU C 40 4.17 -10.29 -16.01
N SER C 41 5.21 -9.80 -15.32
CA SER C 41 6.54 -10.38 -15.35
C SER C 41 6.70 -11.30 -14.15
N MET C 42 7.04 -12.56 -14.41
CA MET C 42 6.91 -13.50 -13.30
C MET C 42 8.00 -13.38 -12.25
N ARG C 43 9.06 -12.61 -12.49
CA ARG C 43 10.02 -12.33 -11.44
C ARG C 43 9.57 -11.16 -10.56
N GLN C 44 8.46 -10.51 -10.90
CA GLN C 44 7.96 -9.39 -10.12
C GLN C 44 6.71 -9.73 -9.32
N ILE C 45 6.15 -10.94 -9.44
CA ILE C 45 4.95 -11.34 -8.73
C ILE C 45 5.22 -12.66 -8.03
N ARG C 46 4.36 -12.98 -7.08
CA ARG C 46 4.56 -14.19 -6.30
C ARG C 46 3.22 -14.86 -6.08
N PHE C 47 3.15 -16.16 -6.39
CA PHE C 47 1.93 -16.92 -6.23
C PHE C 47 1.93 -17.58 -4.87
N ARG C 48 0.84 -17.41 -4.13
CA ARG C 48 0.75 -17.98 -2.80
C ARG C 48 -0.65 -18.56 -2.58
N PHE C 49 -0.68 -19.73 -1.96
CA PHE C 49 -1.92 -20.41 -1.57
C PHE C 49 -1.91 -20.50 -0.05
N ASP C 50 -2.92 -19.92 0.59
CA ASP C 50 -2.99 -19.89 2.05
C ASP C 50 -1.71 -19.33 2.67
N GLY C 51 -1.06 -18.39 1.97
CA GLY C 51 0.17 -17.78 2.45
C GLY C 51 1.43 -18.57 2.17
N GLN C 52 1.31 -19.81 1.71
CA GLN C 52 2.52 -20.60 1.43
C GLN C 52 2.93 -20.40 -0.03
N PRO C 53 4.22 -20.34 -0.33
CA PRO C 53 4.64 -20.20 -1.72
C PRO C 53 4.28 -21.44 -2.51
N ILE C 54 4.13 -21.25 -3.82
CA ILE C 54 3.82 -22.30 -4.77
C ILE C 54 5.02 -22.46 -5.69
N ASN C 55 5.58 -23.65 -5.73
CA ASN C 55 6.70 -23.93 -6.61
C ASN C 55 6.17 -24.37 -7.97
N GLU C 56 6.99 -24.17 -9.00
CA GLU C 56 6.59 -24.54 -10.35
C GLU C 56 6.10 -25.99 -10.41
N THR C 57 6.77 -26.88 -9.69
CA THR C 57 6.50 -28.30 -9.72
C THR C 57 5.30 -28.71 -8.87
N ASP C 58 4.80 -27.82 -8.01
CA ASP C 58 3.76 -28.21 -7.07
C ASP C 58 2.44 -28.49 -7.79
N THR C 59 1.70 -29.46 -7.28
CA THR C 59 0.38 -29.78 -7.82
C THR C 59 -0.72 -29.26 -6.91
N PRO C 60 -1.91 -29.01 -7.45
CA PRO C 60 -3.07 -28.81 -6.56
C PRO C 60 -3.22 -29.93 -5.56
N ALA C 61 -2.89 -31.18 -5.96
CA ALA C 61 -3.02 -32.31 -5.05
C ALA C 61 -2.07 -32.20 -3.88
N GLN C 62 -0.78 -31.98 -4.14
CA GLN C 62 0.13 -31.99 -3.00
C GLN C 62 0.08 -30.69 -2.21
N LEU C 63 -0.62 -29.67 -2.70
CA LEU C 63 -0.95 -28.50 -1.90
C LEU C 63 -2.29 -28.64 -1.20
N GLU C 64 -3.01 -29.74 -1.46
CA GLU C 64 -4.30 -30.07 -0.83
C GLU C 64 -5.38 -29.07 -1.21
N MET C 65 -5.31 -28.51 -2.41
CA MET C 65 -6.36 -27.61 -2.82
C MET C 65 -7.62 -28.38 -3.17
N GLU C 66 -8.74 -27.68 -3.13
CA GLU C 66 -10.04 -28.25 -3.47
C GLU C 66 -10.71 -27.35 -4.51
N ASP C 67 -11.89 -27.75 -4.93
CA ASP C 67 -12.60 -27.02 -5.95
C ASP C 67 -12.90 -25.61 -5.46
N GLU C 68 -12.63 -24.63 -6.34
CA GLU C 68 -12.93 -23.21 -6.16
C GLU C 68 -12.01 -22.53 -5.14
N ASP C 69 -10.91 -23.18 -4.72
CA ASP C 69 -9.95 -22.52 -3.85
C ASP C 69 -9.29 -21.36 -4.58
N THR C 70 -8.70 -20.45 -3.80
CA THR C 70 -8.15 -19.19 -4.30
C THR C 70 -6.63 -19.16 -4.16
N ILE C 71 -5.94 -18.73 -5.20
CA ILE C 71 -4.51 -18.47 -5.17
C ILE C 71 -4.34 -16.96 -5.19
N ASP C 72 -3.53 -16.42 -4.26
CA ASP C 72 -3.23 -14.99 -4.25
C ASP C 72 -1.92 -14.70 -4.99
N VAL C 73 -1.90 -13.57 -5.70
CA VAL C 73 -0.71 -13.06 -6.37
C VAL C 73 -0.30 -11.74 -5.71
N PHE C 74 0.96 -11.65 -5.32
CA PHE C 74 1.49 -10.47 -4.65
C PHE C 74 2.64 -9.88 -5.47
N GLN C 75 3.06 -8.67 -5.10
CA GLN C 75 4.09 -7.95 -5.83
C GLN C 75 5.39 -7.91 -5.06
N GLN C 76 6.47 -7.74 -5.81
CA GLN C 76 7.76 -7.46 -5.20
C GLN C 76 7.62 -6.34 -4.19
N GLN C 77 8.26 -6.50 -3.04
CA GLN C 77 8.40 -5.41 -2.08
C GLN C 77 9.88 -5.13 -1.91
N THR C 78 10.26 -3.86 -1.87
CA THR C 78 11.61 -3.49 -1.45
C THR C 78 11.46 -2.44 -0.35
N GLY C 79 12.54 -2.20 0.37
CA GLY C 79 12.53 -1.20 1.43
C GLY C 79 13.88 -1.11 2.11
N ASP D 3 -10.05 5.60 -38.40
CA ASP D 3 -9.09 4.51 -38.33
C ASP D 3 -8.85 4.11 -36.86
N HIS D 4 -8.42 2.86 -36.65
CA HIS D 4 -8.24 2.27 -35.33
C HIS D 4 -6.93 2.72 -34.68
N ILE D 5 -6.90 2.68 -33.33
CA ILE D 5 -5.75 3.08 -32.52
C ILE D 5 -5.58 2.02 -31.42
N ASN D 6 -4.36 1.95 -30.86
CA ASN D 6 -4.00 1.03 -29.79
C ASN D 6 -3.98 1.72 -28.42
N LEU D 7 -4.42 1.02 -27.37
CA LEU D 7 -4.44 1.54 -26.00
C LEU D 7 -4.11 0.44 -25.00
N LYS D 8 -3.31 0.78 -23.99
CA LYS D 8 -3.03 -0.11 -22.87
C LYS D 8 -3.86 0.29 -21.65
N VAL D 9 -4.26 -0.69 -20.85
CA VAL D 9 -4.97 -0.46 -19.60
C VAL D 9 -4.17 -1.09 -18.46
N ALA D 10 -3.52 -0.25 -17.65
CA ALA D 10 -2.63 -0.67 -16.58
C ALA D 10 -3.37 -0.65 -15.24
N GLY D 11 -3.23 -1.74 -14.47
CA GLY D 11 -3.81 -1.87 -13.15
C GLY D 11 -2.76 -1.71 -12.05
N GLN D 12 -3.26 -1.66 -10.81
CA GLN D 12 -2.36 -1.40 -9.68
C GLN D 12 -1.34 -2.48 -9.51
N ASP D 13 -1.69 -3.71 -9.90
CA ASP D 13 -0.84 -4.89 -9.84
C ASP D 13 0.26 -4.90 -10.88
N GLY D 14 0.47 -3.83 -11.63
CA GLY D 14 1.39 -3.89 -12.74
C GLY D 14 0.91 -4.66 -13.96
N SER D 15 -0.33 -5.15 -13.97
CA SER D 15 -0.88 -5.75 -15.17
C SER D 15 -1.07 -4.72 -16.28
N VAL D 16 -0.92 -5.17 -17.51
CA VAL D 16 -1.27 -4.39 -18.71
C VAL D 16 -2.18 -5.25 -19.58
N VAL D 17 -3.23 -4.64 -20.13
CA VAL D 17 -4.14 -5.31 -21.03
C VAL D 17 -4.26 -4.49 -22.30
N GLN D 18 -4.11 -5.14 -23.45
CA GLN D 18 -4.10 -4.45 -24.73
C GLN D 18 -5.53 -4.30 -25.24
N PHE D 19 -5.78 -3.20 -25.95
CA PHE D 19 -7.08 -2.98 -26.56
C PHE D 19 -6.93 -2.25 -27.89
N LYS D 20 -7.93 -2.46 -28.74
CA LYS D 20 -8.07 -1.80 -30.04
C LYS D 20 -9.48 -1.25 -30.15
N ILE D 21 -9.60 0.01 -30.58
CA ILE D 21 -10.91 0.57 -30.91
C ILE D 21 -10.68 1.79 -31.78
N LYS D 22 -11.69 2.13 -32.58
CA LYS D 22 -11.57 3.26 -33.49
C LYS D 22 -11.52 4.57 -32.70
N ARG D 23 -10.81 5.54 -33.28
CA ARG D 23 -10.43 6.77 -32.59
C ARG D 23 -11.62 7.56 -32.04
N HIS D 24 -12.83 7.32 -32.56
CA HIS D 24 -13.99 8.12 -32.18
C HIS D 24 -15.08 7.33 -31.48
N THR D 25 -14.89 6.03 -31.26
CA THR D 25 -15.79 5.29 -30.40
C THR D 25 -15.65 5.80 -28.97
N PRO D 26 -16.75 6.01 -28.24
CA PRO D 26 -16.62 6.33 -26.81
C PRO D 26 -16.02 5.15 -26.06
N LEU D 27 -15.18 5.47 -25.07
CA LEU D 27 -14.37 4.47 -24.38
C LEU D 27 -15.20 3.46 -23.57
N SER D 28 -16.52 3.60 -23.61
CA SER D 28 -17.40 2.79 -22.78
C SER D 28 -17.23 1.30 -23.06
N LYS D 29 -17.29 0.90 -24.34
CA LYS D 29 -17.16 -0.52 -24.67
C LYS D 29 -15.83 -1.08 -24.16
N LEU D 30 -14.75 -0.32 -24.31
CA LEU D 30 -13.45 -0.75 -23.78
C LEU D 30 -13.53 -0.96 -22.27
N MET D 31 -13.99 0.06 -21.54
CA MET D 31 -14.09 -0.03 -20.08
C MET D 31 -14.87 -1.27 -19.64
N LYS D 32 -16.06 -1.47 -20.21
CA LYS D 32 -16.87 -2.62 -19.84
C LYS D 32 -16.14 -3.93 -20.12
N ALA D 33 -15.39 -3.98 -21.23
CA ALA D 33 -14.60 -5.16 -21.55
C ALA D 33 -13.60 -5.45 -20.43
N TYR D 34 -12.77 -4.46 -20.09
CA TYR D 34 -11.77 -4.62 -19.03
C TYR D 34 -12.39 -5.18 -17.76
N CYS D 35 -13.62 -4.77 -17.46
CA CYS D 35 -14.23 -5.21 -16.20
C CYS D 35 -14.67 -6.67 -16.27
N GLU D 36 -15.15 -7.11 -17.42
CA GLU D 36 -15.50 -8.52 -17.55
C GLU D 36 -14.23 -9.37 -17.63
N ARG D 37 -13.20 -8.85 -18.32
CA ARG D 37 -11.95 -9.59 -18.50
C ARG D 37 -11.19 -9.76 -17.20
N GLN D 38 -11.32 -8.82 -16.25
CA GLN D 38 -10.55 -8.85 -15.01
C GLN D 38 -11.35 -9.34 -13.82
N GLY D 39 -12.66 -9.52 -13.95
CA GLY D 39 -13.46 -9.84 -12.77
C GLY D 39 -13.64 -8.69 -11.81
N LEU D 40 -13.66 -7.46 -12.32
CA LEU D 40 -13.87 -6.27 -11.49
C LEU D 40 -15.26 -5.69 -11.70
N SER D 41 -15.86 -5.23 -10.59
CA SER D 41 -17.09 -4.46 -10.62
C SER D 41 -16.82 -3.05 -11.11
N MET D 42 -17.58 -2.61 -12.11
CA MET D 42 -17.51 -1.22 -12.59
C MET D 42 -17.55 -0.23 -11.43
N ARG D 43 -18.29 -0.58 -10.37
CA ARG D 43 -18.51 0.31 -9.23
C ARG D 43 -17.23 0.57 -8.45
N GLN D 44 -16.31 -0.39 -8.42
CA GLN D 44 -15.21 -0.36 -7.46
C GLN D 44 -13.90 0.06 -8.09
N ILE D 45 -13.91 0.61 -9.29
CA ILE D 45 -12.68 1.01 -9.95
C ILE D 45 -12.90 2.37 -10.61
N ARG D 46 -11.79 3.02 -10.91
CA ARG D 46 -11.82 4.29 -11.59
C ARG D 46 -10.81 4.23 -12.72
N PHE D 47 -11.20 4.78 -13.86
CA PHE D 47 -10.33 4.89 -15.02
C PHE D 47 -9.80 6.31 -15.09
N ARG D 48 -8.56 6.47 -15.55
CA ARG D 48 -7.94 7.78 -15.60
C ARG D 48 -6.98 7.86 -16.78
N PHE D 49 -6.91 9.02 -17.39
CA PHE D 49 -5.93 9.33 -18.40
C PHE D 49 -5.13 10.53 -17.95
N ASP D 50 -3.83 10.32 -17.72
CA ASP D 50 -2.93 11.35 -17.16
C ASP D 50 -3.50 11.98 -15.90
N GLY D 51 -4.07 11.13 -15.03
CA GLY D 51 -4.68 11.57 -13.80
C GLY D 51 -6.06 12.15 -13.93
N GLN D 52 -6.58 12.29 -15.15
CA GLN D 52 -7.89 12.92 -15.23
C GLN D 52 -9.00 11.86 -15.34
N PRO D 53 -10.16 12.04 -14.72
CA PRO D 53 -11.16 10.97 -14.72
C PRO D 53 -11.73 10.73 -16.11
N ILE D 54 -12.01 9.47 -16.42
CA ILE D 54 -12.44 9.03 -17.75
C ILE D 54 -13.90 8.63 -17.68
N ASN D 55 -14.73 9.26 -18.52
CA ASN D 55 -16.15 8.98 -18.57
C ASN D 55 -16.48 7.96 -19.66
N GLU D 56 -17.61 7.28 -19.50
CA GLU D 56 -18.05 6.32 -20.50
C GLU D 56 -18.32 7.00 -21.84
N THR D 57 -18.70 8.27 -21.80
CA THR D 57 -18.97 9.05 -22.99
C THR D 57 -17.71 9.65 -23.61
N ASP D 58 -16.58 9.64 -22.91
CA ASP D 58 -15.37 10.24 -23.47
C ASP D 58 -14.86 9.43 -24.66
N THR D 59 -14.30 10.14 -25.62
CA THR D 59 -13.69 9.41 -26.72
C THR D 59 -12.21 9.72 -26.75
N PRO D 60 -11.39 8.83 -27.30
CA PRO D 60 -9.94 9.11 -27.37
C PRO D 60 -9.64 10.45 -28.03
N ALA D 61 -10.29 10.75 -29.17
CA ALA D 61 -10.09 12.02 -29.84
C ALA D 61 -10.37 13.19 -28.90
N GLN D 62 -11.44 13.08 -28.11
CA GLN D 62 -11.78 14.13 -27.16
C GLN D 62 -10.68 14.30 -26.11
N LEU D 63 -10.05 13.21 -25.69
CA LEU D 63 -9.06 13.27 -24.60
C LEU D 63 -7.63 13.48 -25.11
N GLU D 64 -7.46 13.83 -26.38
CA GLU D 64 -6.14 13.95 -27.00
C GLU D 64 -5.29 12.72 -26.70
N MET D 65 -5.90 11.55 -26.91
CA MET D 65 -5.18 10.30 -26.83
C MET D 65 -4.45 10.03 -28.14
N GLU D 66 -3.35 9.31 -28.02
CA GLU D 66 -2.48 8.99 -29.14
C GLU D 66 -2.20 7.50 -29.10
N ASP D 67 -1.61 6.98 -30.17
CA ASP D 67 -1.38 5.55 -30.30
C ASP D 67 -0.40 5.06 -29.23
N GLU D 68 -0.79 3.97 -28.55
CA GLU D 68 -0.01 3.31 -27.49
C GLU D 68 0.06 4.12 -26.21
N ASP D 69 -0.91 5.01 -25.97
CA ASP D 69 -1.07 5.69 -24.70
C ASP D 69 -1.70 4.75 -23.67
N THR D 70 -1.51 5.09 -22.39
CA THR D 70 -1.91 4.23 -21.28
C THR D 70 -3.03 4.86 -20.48
N ILE D 71 -4.09 4.08 -20.24
CA ILE D 71 -5.14 4.39 -19.27
C ILE D 71 -4.80 3.68 -17.98
N ASP D 72 -4.89 4.40 -16.85
CA ASP D 72 -4.67 3.78 -15.55
C ASP D 72 -5.99 3.31 -14.94
N VAL D 73 -5.92 2.28 -14.11
CA VAL D 73 -7.10 1.78 -13.42
C VAL D 73 -6.76 1.66 -11.93
N PHE D 74 -7.55 2.30 -11.09
CA PHE D 74 -7.34 2.33 -9.65
C PHE D 74 -8.58 1.77 -8.94
N GLN D 75 -8.39 1.31 -7.71
CA GLN D 75 -9.49 0.77 -6.93
C GLN D 75 -9.95 1.80 -5.92
N GLN D 76 -11.22 1.67 -5.54
CA GLN D 76 -11.81 2.50 -4.50
C GLN D 76 -10.90 2.52 -3.28
N GLN D 77 -10.66 3.72 -2.74
CA GLN D 77 -10.00 3.86 -1.46
C GLN D 77 -11.01 4.30 -0.41
N THR D 78 -10.88 3.78 0.80
CA THR D 78 -11.60 4.30 1.96
C THR D 78 -10.60 4.40 3.10
N GLY D 79 -10.98 5.10 4.17
CA GLY D 79 -10.06 5.33 5.26
C GLY D 79 -10.64 6.19 6.36
#